data_3RMP
#
_entry.id   3RMP
#
_cell.length_a   60.900
_cell.length_b   69.490
_cell.length_c   83.740
_cell.angle_alpha   90.00
_cell.angle_beta   90.00
_cell.angle_gamma   90.00
#
_symmetry.space_group_name_H-M   'P 21 21 21'
#
loop_
_entity.id
_entity.type
_entity.pdbx_description
1 polymer 'CP4-like integrase'
2 polymer "5'-D(*TP*AP*AP*TP*GP*AP*CP*CP*AP*CP*CP*AP*AP*TP*A)-3'"
3 polymer "5'-D(*TP*AP*TP*TP*GP*GP*TP*GP*GP*TP*CP*AP*TP*TP*A)-3'"
4 water water
#
loop_
_entity_poly.entity_id
_entity_poly.type
_entity_poly.pdbx_seq_one_letter_code
_entity_poly.pdbx_strand_id
1 'polypeptide(L)'
;MSLTDAKIRTLKPSDKPFKVSDSHGLYLLVKPGGSRHWYLKYRISGKESRIALGAYPAISLSDARQQREGIRKMLALNIN
LEHHHHHH
;
A,C
2 'polydeoxyribonucleotide' (DT)(DA)(DA)(DT)(DG)(DA)(DC)(DC)(DA)(DC)(DC)(DA)(DA)(DT)(DA) E,G
3 'polydeoxyribonucleotide' (DT)(DA)(DT)(DT)(DG)(DG)(DT)(DG)(DG)(DT)(DC)(DA)(DT)(DT)(DA) F,H
#
# COMPACT_ATOMS: atom_id res chain seq x y z
N SER A 2 -2.69 -14.10 11.94
CA SER A 2 -2.91 -12.64 11.84
C SER A 2 -2.09 -11.93 12.91
N LEU A 3 -1.77 -10.66 12.65
CA LEU A 3 -1.02 -9.85 13.59
C LEU A 3 -1.94 -8.78 14.16
N THR A 4 -1.65 -8.36 15.40
CA THR A 4 -2.31 -7.20 15.98
C THR A 4 -1.23 -6.27 16.52
N ASP A 5 -1.54 -4.98 16.63
CA ASP A 5 -0.54 -4.06 17.17
C ASP A 5 -0.17 -4.43 18.61
N ALA A 6 -1.17 -4.82 19.39
CA ALA A 6 -0.95 -5.30 20.77
C ALA A 6 0.16 -6.35 20.87
N LYS A 7 0.18 -7.30 19.92
CA LYS A 7 1.24 -8.33 19.90
C LYS A 7 2.61 -7.73 19.63
N ILE A 8 2.69 -6.83 18.65
CA ILE A 8 3.95 -6.15 18.33
C ILE A 8 4.48 -5.40 19.56
N ARG A 9 3.65 -4.56 20.17
CA ARG A 9 4.04 -3.77 21.35
C ARG A 9 4.81 -4.57 22.40
N THR A 10 4.38 -5.80 22.60
CA THR A 10 4.84 -6.61 23.72
C THR A 10 5.80 -7.73 23.32
N LEU A 11 6.39 -7.63 22.13
CA LEU A 11 7.35 -8.62 21.65
C LEU A 11 8.57 -8.73 22.56
N LYS A 12 8.90 -9.97 22.92
CA LYS A 12 10.05 -10.27 23.77
C LYS A 12 11.35 -10.02 23.00
N PRO A 13 12.37 -9.45 23.68
CA PRO A 13 13.68 -9.30 23.05
C PRO A 13 14.32 -10.66 22.79
N SER A 14 15.02 -10.78 21.67
CA SER A 14 15.74 -12.00 21.35
C SER A 14 17.16 -11.71 20.84
N ASP A 15 18.04 -12.69 21.00
CA ASP A 15 19.44 -12.57 20.55
C ASP A 15 19.58 -12.78 19.05
N LYS A 16 18.48 -13.16 18.41
CA LYS A 16 18.49 -13.58 17.03
C LYS A 16 17.37 -12.86 16.29
N PRO A 17 17.57 -12.56 15.00
CA PRO A 17 16.46 -12.05 14.18
C PRO A 17 15.28 -13.03 14.14
N PHE A 18 14.07 -12.50 14.18
CA PHE A 18 12.89 -13.33 13.96
C PHE A 18 11.84 -12.59 13.17
N LYS A 19 11.02 -13.35 12.45
CA LYS A 19 9.95 -12.80 11.65
C LYS A 19 8.64 -12.98 12.40
N VAL A 20 7.82 -11.94 12.40
CA VAL A 20 6.49 -12.00 12.98
C VAL A 20 5.48 -11.81 11.85
N SER A 21 4.79 -12.89 11.55
CA SER A 21 3.92 -12.99 10.40
C SER A 21 2.60 -12.25 10.62
N ASP A 22 2.17 -11.47 9.64
CA ASP A 22 0.78 -11.01 9.62
C ASP A 22 0.00 -12.00 8.76
N SER A 23 -0.19 -11.67 7.49
CA SER A 23 -0.73 -12.62 6.53
C SER A 23 -0.27 -12.25 5.12
N HIS A 24 -0.52 -13.16 4.19
CA HIS A 24 -0.22 -12.97 2.77
C HIS A 24 1.21 -12.47 2.49
N GLY A 25 2.17 -13.03 3.23
CA GLY A 25 3.60 -12.76 2.99
C GLY A 25 4.19 -11.59 3.75
N LEU A 26 3.32 -10.80 4.39
CA LEU A 26 3.74 -9.65 5.18
C LEU A 26 4.21 -10.06 6.58
N TYR A 27 5.39 -9.58 6.97
CA TYR A 27 5.92 -9.85 8.29
C TYR A 27 6.73 -8.68 8.84
N LEU A 28 6.94 -8.68 10.14
CA LEU A 28 7.85 -7.73 10.76
C LEU A 28 9.12 -8.48 11.13
N LEU A 29 10.24 -7.98 10.62
CA LEU A 29 11.54 -8.52 10.94
C LEU A 29 12.09 -7.76 12.12
N VAL A 30 12.22 -8.46 13.24
CA VAL A 30 12.76 -7.88 14.46
C VAL A 30 14.20 -8.35 14.62
N LYS A 31 15.13 -7.40 14.60
CA LYS A 31 16.54 -7.70 14.74
C LYS A 31 17.00 -7.43 16.16
N PRO A 32 18.02 -8.18 16.64
CA PRO A 32 18.50 -8.02 18.01
C PRO A 32 18.58 -6.55 18.41
N GLY A 33 19.41 -5.78 17.70
CA GLY A 33 19.64 -4.38 18.01
C GLY A 33 18.44 -3.73 18.64
N GLY A 34 17.49 -3.33 17.79
CA GLY A 34 16.21 -2.79 18.22
C GLY A 34 15.31 -2.51 17.02
N SER A 35 15.81 -2.84 15.82
CA SER A 35 15.14 -2.49 14.57
C SER A 35 13.96 -3.41 14.21
N ARG A 36 12.88 -2.79 13.75
CA ARG A 36 11.67 -3.49 13.35
C ARG A 36 11.25 -2.94 12.01
N HIS A 37 11.30 -3.79 10.98
CA HIS A 37 11.02 -3.34 9.62
C HIS A 37 10.08 -4.29 8.92
N TRP A 38 9.18 -3.71 8.13
CA TRP A 38 8.18 -4.47 7.39
C TRP A 38 8.76 -4.97 6.09
N TYR A 39 8.52 -6.25 5.81
CA TYR A 39 8.89 -6.85 4.54
C TYR A 39 7.72 -7.67 3.99
N LEU A 40 7.57 -7.65 2.68
CA LEU A 40 6.60 -8.50 2.03
C LEU A 40 7.29 -9.56 1.18
N LYS A 41 6.97 -10.82 1.45
CA LYS A 41 7.47 -11.95 0.68
C LYS A 41 6.58 -12.20 -0.54
N TYR A 42 7.19 -12.18 -1.72
CA TYR A 42 6.44 -12.37 -2.96
C TYR A 42 7.25 -13.17 -3.99
N ARG A 43 6.57 -13.65 -5.02
CA ARG A 43 7.22 -14.29 -6.17
C ARG A 43 6.74 -13.62 -7.44
N ILE A 44 7.66 -13.41 -8.39
CA ILE A 44 7.30 -12.98 -9.75
C ILE A 44 7.69 -14.11 -10.68
N SER A 45 6.68 -14.75 -11.27
CA SER A 45 6.84 -15.98 -12.08
C SER A 45 7.84 -16.96 -11.49
N GLY A 46 7.55 -17.43 -10.28
CA GLY A 46 8.36 -18.46 -9.63
C GLY A 46 9.58 -17.99 -8.84
N LYS A 47 10.00 -16.74 -9.05
CA LYS A 47 11.21 -16.26 -8.39
C LYS A 47 10.87 -15.45 -7.14
N GLU A 48 11.48 -15.85 -6.02
CA GLU A 48 11.15 -15.29 -4.72
C GLU A 48 12.04 -14.11 -4.39
N SER A 49 11.42 -13.04 -3.89
CA SER A 49 12.16 -11.94 -3.34
C SER A 49 11.42 -11.35 -2.14
N ARG A 50 11.80 -10.13 -1.76
CA ARG A 50 11.10 -9.37 -0.73
C ARG A 50 11.36 -7.89 -0.92
N ILE A 51 10.37 -7.07 -0.57
CA ILE A 51 10.49 -5.61 -0.59
C ILE A 51 10.28 -5.07 0.81
N ALA A 52 11.11 -4.11 1.19
CA ALA A 52 10.98 -3.40 2.44
C ALA A 52 9.80 -2.44 2.38
N LEU A 53 8.92 -2.47 3.37
CA LEU A 53 7.78 -1.57 3.38
C LEU A 53 7.93 -0.42 4.38
N GLY A 54 9.00 -0.43 5.16
CA GLY A 54 9.28 0.65 6.10
C GLY A 54 9.44 0.22 7.54
N ALA A 55 9.95 1.12 8.36
CA ALA A 55 10.20 0.86 9.78
C ALA A 55 8.92 0.97 10.57
N TYR A 56 8.76 0.05 11.52
CA TYR A 56 7.74 0.18 12.56
C TYR A 56 8.40 0.92 13.72
N PRO A 57 7.70 1.89 14.35
CA PRO A 57 6.28 2.27 14.17
C PRO A 57 5.98 3.41 13.19
N ALA A 58 6.99 4.00 12.58
CA ALA A 58 6.76 5.00 11.53
C ALA A 58 5.70 4.50 10.54
N ILE A 59 5.89 3.28 10.03
CA ILE A 59 4.89 2.59 9.23
C ILE A 59 4.13 1.64 10.14
N SER A 60 2.82 1.86 10.27
CA SER A 60 1.98 1.09 11.19
C SER A 60 1.60 -0.23 10.55
N LEU A 61 1.02 -1.11 11.34
CA LEU A 61 0.50 -2.37 10.83
C LEU A 61 -0.49 -2.15 9.69
N SER A 62 -1.46 -1.26 9.87
CA SER A 62 -2.43 -1.03 8.79
C SER A 62 -1.78 -0.38 7.57
N ASP A 63 -0.80 0.49 7.80
CA ASP A 63 -0.04 1.13 6.71
C ASP A 63 0.63 0.09 5.85
N ALA A 64 1.38 -0.81 6.49
CA ALA A 64 2.04 -1.93 5.80
C ALA A 64 1.06 -2.86 5.05
N ARG A 65 -0.07 -3.17 5.67
CA ARG A 65 -1.10 -3.99 5.05
C ARG A 65 -1.59 -3.37 3.76
N GLN A 66 -1.83 -2.06 3.80
CA GLN A 66 -2.26 -1.31 2.63
C GLN A 66 -1.19 -1.20 1.54
N GLN A 67 0.09 -1.09 1.93
CA GLN A 67 1.16 -1.14 0.94
C GLN A 67 1.12 -2.50 0.26
N ARG A 68 0.87 -3.54 1.04
CA ARG A 68 0.74 -4.90 0.52
C ARG A 68 -0.42 -5.02 -0.46
N GLU A 69 -1.57 -4.44 -0.13
CA GLU A 69 -2.74 -4.54 -1.01
C GLU A 69 -2.51 -3.84 -2.35
N GLY A 70 -1.73 -2.76 -2.31
CA GLY A 70 -1.27 -2.10 -3.53
C GLY A 70 -0.40 -3.04 -4.34
N ILE A 71 0.60 -3.62 -3.69
CA ILE A 71 1.58 -4.49 -4.35
C ILE A 71 0.94 -5.74 -4.94
N ARG A 72 -0.01 -6.34 -4.21
CA ARG A 72 -0.72 -7.53 -4.66
C ARG A 72 -1.52 -7.27 -5.93
N LYS A 73 -2.19 -6.12 -5.99
CA LYS A 73 -2.85 -5.71 -7.22
C LYS A 73 -1.90 -5.62 -8.40
N MET A 74 -0.69 -5.09 -8.18
CA MET A 74 0.34 -5.06 -9.22
C MET A 74 0.74 -6.47 -9.64
N LEU A 75 1.04 -7.31 -8.66
CA LEU A 75 1.43 -8.71 -8.91
C LEU A 75 0.36 -9.49 -9.66
N ALA A 76 -0.90 -9.27 -9.31
CA ALA A 76 -2.02 -9.91 -9.99
C ALA A 76 -2.07 -9.55 -11.48
N LEU A 77 -0.99 -8.93 -11.97
CA LEU A 77 -0.71 -8.79 -13.40
C LEU A 77 0.77 -9.15 -13.64
N ASN A 78 1.05 -10.39 -14.06
CA ASN A 78 0.05 -11.43 -14.33
C ASN A 78 0.20 -12.66 -13.44
N SER B 2 -2.55 18.95 -2.62
CA SER B 2 -3.14 17.58 -2.52
C SER B 2 -4.35 17.53 -1.58
N LEU B 3 -5.16 16.50 -1.76
CA LEU B 3 -6.47 16.39 -1.11
C LEU B 3 -6.45 16.19 0.39
N THR B 4 -7.53 16.63 1.02
CA THR B 4 -7.90 16.23 2.38
C THR B 4 -9.23 15.49 2.22
N ASP B 5 -9.65 14.75 3.24
CA ASP B 5 -10.90 14.01 3.13
C ASP B 5 -12.13 14.93 3.13
N ALA B 6 -11.94 16.17 3.60
CA ALA B 6 -12.98 17.19 3.55
C ALA B 6 -13.29 17.61 2.12
N LYS B 7 -12.25 17.91 1.36
CA LYS B 7 -12.36 18.32 -0.04
C LYS B 7 -13.14 17.32 -0.92
N ILE B 8 -13.04 16.03 -0.57
CA ILE B 8 -13.66 14.95 -1.36
C ILE B 8 -15.18 14.87 -1.17
N ARG B 9 -15.64 14.90 0.07
CA ARG B 9 -17.07 14.94 0.40
C ARG B 9 -17.70 16.26 -0.04
N THR B 10 -16.89 17.31 -0.10
CA THR B 10 -17.32 18.67 -0.47
C THR B 10 -17.42 18.89 -2.00
N LEU B 11 -17.24 17.84 -2.78
CA LEU B 11 -17.34 17.92 -4.24
C LEU B 11 -18.77 18.05 -4.75
N LYS B 12 -18.97 17.77 -6.04
CA LYS B 12 -20.27 17.91 -6.70
C LYS B 12 -20.67 16.64 -7.45
N ASP B 15 -22.16 15.43 -12.73
CA ASP B 15 -21.74 16.38 -13.80
C ASP B 15 -21.37 15.59 -15.08
N LYS B 16 -20.12 15.20 -15.16
CA LYS B 16 -19.60 14.26 -16.14
C LYS B 16 -18.42 13.59 -15.43
N PRO B 17 -17.82 12.52 -16.01
CA PRO B 17 -16.65 11.97 -15.31
C PRO B 17 -15.52 13.00 -15.18
N PHE B 18 -15.02 13.15 -13.96
CA PHE B 18 -13.87 14.02 -13.70
C PHE B 18 -12.90 13.40 -12.69
N LYS B 19 -11.64 13.81 -12.80
CA LYS B 19 -10.58 13.27 -11.96
C LYS B 19 -10.21 14.26 -10.86
N VAL B 20 -10.24 13.78 -9.62
CA VAL B 20 -9.86 14.58 -8.47
C VAL B 20 -8.48 14.11 -8.04
N SER B 21 -7.49 14.96 -8.25
CA SER B 21 -6.09 14.59 -8.05
C SER B 21 -5.63 14.69 -6.61
N ASP B 22 -4.85 13.71 -6.17
CA ASP B 22 -4.14 13.85 -4.91
C ASP B 22 -2.76 14.35 -5.26
N SER B 23 -1.85 13.40 -5.47
CA SER B 23 -0.52 13.67 -6.01
C SER B 23 0.14 12.35 -6.44
N HIS B 24 1.17 12.47 -7.26
CA HIS B 24 1.97 11.34 -7.73
C HIS B 24 1.16 10.36 -8.57
N GLY B 25 0.26 10.90 -9.39
CA GLY B 25 -0.58 10.10 -10.27
C GLY B 25 -1.84 9.50 -9.66
N LEU B 26 -2.01 9.62 -8.35
CA LEU B 26 -3.19 9.07 -7.68
C LEU B 26 -4.34 10.04 -7.76
N TYR B 27 -5.49 9.55 -8.22
CA TYR B 27 -6.68 10.38 -8.27
C TYR B 27 -7.96 9.62 -7.94
N LEU B 28 -8.98 10.35 -7.50
CA LEU B 28 -10.31 9.80 -7.32
C LEU B 28 -11.14 10.08 -8.57
N LEU B 29 -11.61 9.02 -9.23
CA LEU B 29 -12.51 9.14 -10.37
C LEU B 29 -13.94 9.25 -9.85
N VAL B 30 -14.60 10.34 -10.22
CA VAL B 30 -16.02 10.50 -9.94
C VAL B 30 -16.81 10.39 -11.25
N LYS B 31 -17.72 9.43 -11.31
CA LYS B 31 -18.67 9.30 -12.42
C LYS B 31 -20.07 9.79 -11.97
N PRO B 32 -20.97 10.06 -12.95
CA PRO B 32 -22.32 10.59 -12.67
C PRO B 32 -23.07 9.89 -11.52
N GLY B 33 -23.18 8.57 -11.59
CA GLY B 33 -23.98 7.80 -10.63
C GLY B 33 -23.71 8.06 -9.15
N GLY B 34 -22.43 8.21 -8.81
CA GLY B 34 -21.98 8.29 -7.43
C GLY B 34 -20.80 7.35 -7.27
N SER B 35 -20.36 6.81 -8.39
CA SER B 35 -19.19 5.95 -8.48
C SER B 35 -17.91 6.74 -8.19
N ARG B 36 -17.29 6.46 -7.03
CA ARG B 36 -16.08 7.16 -6.59
C ARG B 36 -14.94 6.18 -6.30
N HIS B 37 -14.06 6.01 -7.28
CA HIS B 37 -13.06 4.95 -7.27
C HIS B 37 -11.65 5.51 -7.44
N TRP B 38 -10.72 5.03 -6.60
CA TRP B 38 -9.32 5.46 -6.68
C TRP B 38 -8.61 4.78 -7.84
N TYR B 39 -7.74 5.53 -8.52
CA TYR B 39 -6.88 5.01 -9.59
C TYR B 39 -5.48 5.61 -9.53
N LEU B 40 -4.53 4.88 -10.12
CA LEU B 40 -3.14 5.31 -10.13
C LEU B 40 -2.54 5.28 -11.53
N LYS B 41 -2.26 6.47 -12.04
CA LYS B 41 -1.52 6.68 -13.28
C LYS B 41 -0.03 6.39 -13.08
N TYR B 42 0.48 5.51 -13.95
CA TYR B 42 1.89 5.14 -13.97
C TYR B 42 2.30 4.74 -15.37
N ARG B 43 3.61 4.66 -15.57
CA ARG B 43 4.16 4.11 -16.80
C ARG B 43 5.13 3.00 -16.46
N ILE B 44 5.12 1.96 -17.29
CA ILE B 44 6.11 0.90 -17.21
C ILE B 44 6.91 0.94 -18.49
N SER B 45 8.20 1.20 -18.36
CA SER B 45 9.10 1.45 -19.48
C SER B 45 8.42 2.18 -20.65
N GLY B 46 7.89 3.36 -20.36
CA GLY B 46 7.32 4.24 -21.40
C GLY B 46 5.81 4.14 -21.61
N LYS B 47 5.25 2.95 -21.39
CA LYS B 47 3.81 2.72 -21.62
C LYS B 47 2.94 3.18 -20.45
N GLU B 48 1.85 3.89 -20.77
CA GLU B 48 0.94 4.39 -19.74
C GLU B 48 -0.20 3.43 -19.45
N SER B 49 -0.45 3.18 -18.18
CA SER B 49 -1.63 2.45 -17.76
C SER B 49 -2.20 3.08 -16.48
N ARG B 50 -3.20 2.43 -15.91
CA ARG B 50 -3.67 2.78 -14.57
C ARG B 50 -4.12 1.54 -13.82
N ILE B 51 -4.00 1.58 -12.50
CA ILE B 51 -4.44 0.48 -11.65
C ILE B 51 -5.47 0.96 -10.63
N ALA B 52 -6.53 0.18 -10.46
CA ALA B 52 -7.62 0.53 -9.54
C ALA B 52 -7.22 0.22 -8.11
N LEU B 53 -7.41 1.18 -7.21
CA LEU B 53 -7.05 1.01 -5.79
C LEU B 53 -8.29 0.86 -4.88
N GLY B 54 -9.44 0.57 -5.50
CA GLY B 54 -10.65 0.29 -4.75
C GLY B 54 -11.65 1.41 -4.79
N ALA B 55 -12.78 1.17 -4.12
CA ALA B 55 -13.88 2.13 -4.07
C ALA B 55 -13.84 2.98 -2.82
N TYR B 56 -14.30 4.22 -2.95
CA TYR B 56 -14.33 5.18 -1.86
C TYR B 56 -15.80 5.40 -1.44
N PRO B 57 -16.07 5.64 -0.14
CA PRO B 57 -15.16 5.87 1.01
C PRO B 57 -14.68 4.62 1.73
N ALA B 58 -15.04 3.44 1.22
CA ALA B 58 -14.53 2.17 1.74
C ALA B 58 -13.03 2.28 1.89
N ILE B 59 -12.36 2.45 0.75
CA ILE B 59 -10.94 2.75 0.71
C ILE B 59 -10.79 4.24 1.00
N SER B 60 -10.16 4.54 2.12
CA SER B 60 -9.88 5.89 2.56
C SER B 60 -8.88 6.57 1.61
N LEU B 61 -8.63 7.85 1.83
CA LEU B 61 -7.58 8.57 1.13
C LEU B 61 -6.20 8.09 1.60
N SER B 62 -6.02 7.99 2.91
CA SER B 62 -4.76 7.51 3.47
C SER B 62 -4.51 6.05 3.10
N ASP B 63 -5.59 5.28 2.93
CA ASP B 63 -5.52 3.93 2.35
C ASP B 63 -4.98 3.97 0.92
N ALA B 64 -5.59 4.79 0.08
CA ALA B 64 -5.18 4.94 -1.32
C ALA B 64 -3.73 5.40 -1.44
N ARG B 65 -3.33 6.33 -0.57
CA ARG B 65 -1.95 6.81 -0.51
C ARG B 65 -0.95 5.68 -0.21
N GLN B 66 -1.24 4.86 0.81
CA GLN B 66 -0.33 3.78 1.18
C GLN B 66 -0.27 2.67 0.13
N GLN B 67 -1.39 2.44 -0.55
CA GLN B 67 -1.42 1.54 -1.70
C GLN B 67 -0.52 2.07 -2.81
N ARG B 68 -0.60 3.37 -3.07
CA ARG B 68 0.26 3.99 -4.07
C ARG B 68 1.71 3.86 -3.64
N GLU B 69 1.97 4.03 -2.35
CA GLU B 69 3.33 3.92 -1.82
C GLU B 69 3.95 2.54 -2.07
N GLY B 70 3.24 1.48 -1.73
CA GLY B 70 3.69 0.12 -2.00
C GLY B 70 3.99 -0.12 -3.48
N ILE B 71 3.09 0.37 -4.33
CA ILE B 71 3.23 0.27 -5.79
C ILE B 71 4.47 1.02 -6.31
N ARG B 72 4.71 2.21 -5.78
CA ARG B 72 5.89 2.97 -6.17
C ARG B 72 7.17 2.20 -5.89
N LYS B 73 7.22 1.54 -4.74
CA LYS B 73 8.41 0.79 -4.34
C LYS B 73 8.71 -0.35 -5.31
N MET B 74 7.64 -0.99 -5.77
CA MET B 74 7.65 -2.04 -6.79
C MET B 74 8.16 -1.48 -8.12
N LEU B 75 7.61 -0.34 -8.53
CA LEU B 75 8.02 0.32 -9.76
C LEU B 75 9.45 0.85 -9.70
N ALA B 76 9.90 1.20 -8.51
CA ALA B 76 11.27 1.68 -8.31
C ALA B 76 12.30 0.59 -8.63
N LEU B 77 11.79 -0.58 -9.00
CA LEU B 77 12.60 -1.64 -9.62
C LEU B 77 11.91 -2.20 -10.89
N ASN B 78 12.22 -1.65 -12.07
CA ASN B 78 13.09 -0.48 -12.25
C ASN B 78 12.59 0.38 -13.41
#